data_7Y06
#
_entry.id   7Y06
#
_cell.length_a   67.455
_cell.length_b   67.455
_cell.length_c   141.100
_cell.angle_alpha   90.000
_cell.angle_beta   90.000
_cell.angle_gamma   90.000
#
_symmetry.space_group_name_H-M   'P 41 21 2'
#
loop_
_entity.id
_entity.type
_entity.pdbx_description
1 polymer 'Ricin A chain'
2 non-polymer '(2S)-2-[(2-azanyl-4-oxidanylidene-3H-pteridin-7-yl)carbonylamino]-4-phenyl-butanoic acid'
3 non-polymer 'SULFATE ION'
4 water water
#
_entity_poly.entity_id   1
_entity_poly.type   'polypeptide(L)'
_entity_poly.pdbx_seq_one_letter_code
;MHHHHHHIFPKQYPIINFTTAGATVQSYTNFIRAVRGRLTTGADVRHEIPVLPNRVGLPINQRFILVELSNHAELSVTLA
LDVTNAYVVGYRAGNSAYFFHPDNQEDAEAITHLFTDVQNRYTFAFGGNYDRLEQLAGNLRENIELGNGPLEEAISALYY
YSTGGTQLPTLARSFIICIQMISEAARFQYIEGEMRTRIRYNRRSAPDPSVITLENSWGRLSTAIQESNQGAFASPIQLQ
RRNGSKFSVYDVSILIPIIALMVYRCAPPPSSQF
;
_entity_poly.pdbx_strand_id   A
#
# COMPACT_ATOMS: atom_id res chain seq x y z
N GLN A 12 -19.84 -6.00 4.57
CA GLN A 12 -20.07 -4.55 4.78
C GLN A 12 -19.12 -3.72 3.90
N TYR A 13 -17.82 -3.77 4.23
CA TYR A 13 -16.79 -3.05 3.48
C TYR A 13 -16.56 -3.69 2.11
N PRO A 14 -16.27 -2.87 1.08
CA PRO A 14 -16.03 -3.39 -0.27
C PRO A 14 -14.82 -4.31 -0.33
N ILE A 15 -14.93 -5.36 -1.16
CA ILE A 15 -13.87 -6.35 -1.34
C ILE A 15 -13.38 -6.32 -2.79
N ILE A 16 -12.05 -6.27 -2.95
CA ILE A 16 -11.41 -6.40 -4.25
C ILE A 16 -10.58 -7.69 -4.22
N ASN A 17 -10.75 -8.52 -5.24
CA ASN A 17 -10.03 -9.80 -5.34
C ASN A 17 -8.87 -9.74 -6.33
N PHE A 18 -7.74 -10.31 -5.92
CA PHE A 18 -6.59 -10.53 -6.82
C PHE A 18 -5.95 -11.87 -6.53
N THR A 19 -5.52 -12.55 -7.59
CA THR A 19 -4.73 -13.76 -7.45
C THR A 19 -3.39 -13.67 -8.16
N THR A 20 -2.36 -14.19 -7.51
CA THR A 20 -1.04 -14.33 -8.10
C THR A 20 -0.99 -15.51 -9.08
N ALA A 21 -1.95 -16.42 -8.94
CA ALA A 21 -2.06 -17.60 -9.81
C ALA A 21 -2.36 -17.17 -11.24
N GLY A 22 -1.38 -17.40 -12.14
CA GLY A 22 -1.49 -16.97 -13.54
C GLY A 22 -1.66 -15.46 -13.74
N ALA A 23 -1.14 -14.66 -12.79
CA ALA A 23 -1.25 -13.21 -12.89
C ALA A 23 -0.57 -12.69 -14.16
N THR A 24 -1.20 -11.69 -14.78
CA THR A 24 -0.65 -11.04 -15.96
C THR A 24 -0.62 -9.53 -15.72
N VAL A 25 0.05 -8.81 -16.61
CA VAL A 25 0.05 -7.35 -16.58
C VAL A 25 -1.40 -6.84 -16.53
N GLN A 26 -2.26 -7.37 -17.39
CA GLN A 26 -3.66 -6.93 -17.43
C GLN A 26 -4.43 -7.22 -16.15
N SER A 27 -4.28 -8.42 -15.58
CA SER A 27 -5.03 -8.75 -14.37
C SER A 27 -4.58 -7.91 -13.17
N TYR A 28 -3.27 -7.65 -13.09
CA TYR A 28 -2.73 -6.76 -12.07
C TYR A 28 -3.18 -5.31 -12.26
N THR A 29 -3.18 -4.84 -13.50
CA THR A 29 -3.66 -3.50 -13.84
C THR A 29 -5.13 -3.33 -13.45
N ASN A 30 -5.97 -4.32 -13.79
CA ASN A 30 -7.38 -4.31 -13.39
C ASN A 30 -7.54 -4.21 -11.88
N PHE A 31 -6.72 -4.98 -11.16
CA PHE A 31 -6.71 -5.00 -9.70
C PHE A 31 -6.39 -3.64 -9.09
N ILE A 32 -5.27 -3.05 -9.50
CA ILE A 32 -4.84 -1.74 -8.98
C ILE A 32 -5.87 -0.64 -9.29
N ARG A 33 -6.43 -0.67 -10.51
CA ARG A 33 -7.50 0.26 -10.91
CA ARG A 33 -7.49 0.27 -10.91
C ARG A 33 -8.70 0.14 -9.98
N ALA A 34 -9.11 -1.10 -9.69
CA ALA A 34 -10.24 -1.36 -8.80
C ALA A 34 -9.98 -0.89 -7.36
N VAL A 35 -8.75 -1.10 -6.88
CA VAL A 35 -8.35 -0.62 -5.55
C VAL A 35 -8.46 0.90 -5.49
N ARG A 36 -7.88 1.60 -6.47
CA ARG A 36 -7.97 3.06 -6.54
C ARG A 36 -9.41 3.55 -6.57
N GLY A 37 -10.26 2.86 -7.32
CA GLY A 37 -11.69 3.19 -7.43
C GLY A 37 -12.43 3.10 -6.11
N ARG A 38 -12.02 2.15 -5.27
CA ARG A 38 -12.64 1.98 -3.94
C ARG A 38 -12.01 2.86 -2.87
N LEU A 39 -10.78 3.33 -3.12
CA LEU A 39 -10.10 4.24 -2.20
C LEU A 39 -10.59 5.67 -2.33
N THR A 40 -10.73 6.17 -3.56
CA THR A 40 -11.16 7.55 -3.84
C THR A 40 -12.62 7.64 -4.25
N THR A 41 -13.26 8.75 -3.87
CA THR A 41 -14.67 9.00 -4.14
C THR A 41 -14.89 9.82 -5.41
N GLY A 42 -13.85 10.52 -5.85
CA GLY A 42 -13.94 11.45 -6.98
C GLY A 42 -14.25 12.88 -6.57
N ALA A 43 -14.47 13.09 -5.28
CA ALA A 43 -14.82 14.40 -4.71
C ALA A 43 -13.67 15.41 -4.73
N ASP A 44 -12.44 14.91 -4.80
CA ASP A 44 -11.25 15.72 -4.59
C ASP A 44 -10.17 15.38 -5.62
N VAL A 45 -10.03 16.24 -6.62
CA VAL A 45 -9.02 16.10 -7.67
C VAL A 45 -8.32 17.45 -7.81
N ARG A 46 -7.00 17.45 -7.62
CA ARG A 46 -6.21 18.69 -7.66
C ARG A 46 -5.02 18.53 -8.59
N HIS A 47 -4.92 19.45 -9.55
CA HIS A 47 -3.92 19.39 -10.63
C HIS A 47 -3.90 18.03 -11.32
N GLU A 48 -5.10 17.51 -11.58
CA GLU A 48 -5.36 16.19 -12.22
C GLU A 48 -5.04 14.97 -11.34
N ILE A 49 -4.65 15.21 -10.08
CA ILE A 49 -4.30 14.12 -9.15
C ILE A 49 -5.37 13.97 -8.07
N PRO A 50 -6.02 12.78 -7.99
CA PRO A 50 -7.01 12.51 -6.94
C PRO A 50 -6.41 12.54 -5.53
N VAL A 51 -7.22 12.99 -4.58
CA VAL A 51 -6.89 13.01 -3.18
C VAL A 51 -7.80 12.02 -2.46
N LEU A 52 -7.23 11.25 -1.53
CA LEU A 52 -7.97 10.33 -0.68
C LEU A 52 -8.91 11.07 0.28
N PRO A 53 -9.97 10.40 0.78
CA PRO A 53 -10.90 11.06 1.70
C PRO A 53 -10.19 11.63 2.94
N ASN A 54 -10.64 12.80 3.37
CA ASN A 54 -10.21 13.39 4.63
C ASN A 54 -10.70 12.53 5.80
N ARG A 55 -9.79 12.22 6.74
CA ARG A 55 -10.16 11.45 7.93
C ARG A 55 -11.15 12.20 8.83
N VAL A 56 -11.09 13.54 8.82
CA VAL A 56 -11.95 14.38 9.66
C VAL A 56 -13.41 14.25 9.22
N GLY A 57 -14.23 13.70 10.12
CA GLY A 57 -15.66 13.51 9.89
C GLY A 57 -16.03 12.36 8.95
N LEU A 58 -15.07 11.49 8.65
CA LEU A 58 -15.34 10.33 7.79
C LEU A 58 -16.06 9.25 8.59
N PRO A 59 -17.27 8.86 8.16
CA PRO A 59 -18.03 7.85 8.90
C PRO A 59 -17.35 6.48 8.86
N ILE A 60 -17.44 5.74 9.96
CA ILE A 60 -16.78 4.44 10.11
C ILE A 60 -17.19 3.40 9.06
N ASN A 61 -18.44 3.47 8.59
CA ASN A 61 -18.94 2.56 7.54
C ASN A 61 -18.28 2.77 6.17
N GLN A 62 -17.46 3.82 6.07
CA GLN A 62 -16.76 4.19 4.84
C GLN A 62 -15.24 4.16 5.00
N ARG A 63 -14.75 3.67 6.14
CA ARG A 63 -13.34 3.83 6.53
C ARG A 63 -12.36 2.83 5.89
N PHE A 64 -12.84 1.65 5.55
CA PHE A 64 -11.96 0.58 5.07
C PHE A 64 -12.39 -0.06 3.76
N ILE A 65 -11.40 -0.61 3.06
CA ILE A 65 -11.64 -1.55 1.96
C ILE A 65 -10.90 -2.86 2.27
N LEU A 66 -11.35 -3.94 1.65
CA LEU A 66 -10.76 -5.25 1.85
C LEU A 66 -10.16 -5.75 0.55
N VAL A 67 -8.94 -6.27 0.65
CA VAL A 67 -8.23 -6.81 -0.49
C VAL A 67 -8.02 -8.30 -0.21
N GLU A 68 -8.75 -9.13 -0.96
CA GLU A 68 -8.65 -10.58 -0.81
C GLU A 68 -7.63 -11.12 -1.80
N LEU A 69 -6.52 -11.60 -1.27
CA LEU A 69 -5.42 -12.12 -2.06
C LEU A 69 -5.42 -13.64 -2.04
N SER A 70 -5.48 -14.23 -3.22
CA SER A 70 -5.38 -15.68 -3.40
CA SER A 70 -5.33 -15.67 -3.34
C SER A 70 -4.09 -16.02 -4.16
N ASN A 71 -3.64 -17.27 -4.02
CA ASN A 71 -2.44 -17.70 -4.72
C ASN A 71 -2.57 -19.06 -5.40
N HIS A 72 -1.51 -19.47 -6.12
CA HIS A 72 -1.48 -20.76 -6.81
C HIS A 72 -1.56 -21.95 -5.83
N ALA A 73 -1.08 -21.75 -4.60
CA ALA A 73 -1.17 -22.76 -3.54
C ALA A 73 -2.59 -22.96 -2.98
N GLU A 74 -3.57 -22.28 -3.58
CA GLU A 74 -5.00 -22.32 -3.17
C GLU A 74 -5.26 -21.77 -1.76
N LEU A 75 -4.46 -20.80 -1.36
CA LEU A 75 -4.61 -20.14 -0.07
C LEU A 75 -5.10 -18.72 -0.28
N SER A 76 -5.81 -18.19 0.72
CA SER A 76 -6.35 -16.85 0.67
CA SER A 76 -6.34 -16.83 0.67
C SER A 76 -6.10 -16.10 1.97
N VAL A 77 -5.78 -14.81 1.86
CA VAL A 77 -5.70 -13.88 3.00
C VAL A 77 -6.43 -12.60 2.60
N THR A 78 -6.99 -11.90 3.59
CA THR A 78 -7.67 -10.64 3.32
C THR A 78 -6.99 -9.50 4.07
N LEU A 79 -6.46 -8.54 3.32
CA LEU A 79 -5.88 -7.33 3.90
C LEU A 79 -6.96 -6.26 4.07
N ALA A 80 -6.85 -5.50 5.15
CA ALA A 80 -7.72 -4.35 5.37
C ALA A 80 -6.91 -3.06 5.19
N LEU A 81 -7.44 -2.17 4.35
CA LEU A 81 -6.80 -0.90 4.03
C LEU A 81 -7.66 0.28 4.47
N ASP A 82 -7.03 1.21 5.17
CA ASP A 82 -7.64 2.48 5.57
C ASP A 82 -7.74 3.36 4.32
N VAL A 83 -8.94 3.81 3.98
CA VAL A 83 -9.16 4.60 2.75
C VAL A 83 -8.50 5.98 2.76
N THR A 84 -8.19 6.49 3.95
CA THR A 84 -7.62 7.84 4.06
C THR A 84 -6.16 7.88 3.63
N ASN A 85 -5.48 6.74 3.65
CA ASN A 85 -4.05 6.70 3.37
C ASN A 85 -3.55 5.42 2.69
N ALA A 86 -4.49 4.52 2.37
CA ALA A 86 -4.19 3.17 1.82
C ALA A 86 -3.35 2.28 2.76
N TYR A 87 -3.27 2.65 4.03
CA TYR A 87 -2.47 1.93 5.03
C TYR A 87 -3.05 0.54 5.28
N VAL A 88 -2.18 -0.48 5.22
CA VAL A 88 -2.56 -1.84 5.54
C VAL A 88 -2.58 -1.95 7.07
N VAL A 89 -3.78 -2.04 7.65
CA VAL A 89 -3.93 -2.04 9.12
C VAL A 89 -3.85 -3.44 9.74
N GLY A 90 -4.06 -4.46 8.91
CA GLY A 90 -4.06 -5.84 9.37
C GLY A 90 -4.57 -6.79 8.31
N TYR A 91 -4.70 -8.06 8.70
CA TYR A 91 -5.16 -9.10 7.79
C TYR A 91 -5.93 -10.21 8.49
N ARG A 92 -6.74 -10.93 7.69
CA ARG A 92 -7.42 -12.14 8.13
C ARG A 92 -6.91 -13.35 7.35
N ALA A 93 -6.62 -14.43 8.07
CA ALA A 93 -6.36 -15.73 7.46
C ALA A 93 -7.20 -16.78 8.18
N GLY A 94 -8.23 -17.26 7.50
CA GLY A 94 -9.18 -18.23 8.06
C GLY A 94 -9.82 -17.76 9.34
N ASN A 95 -9.52 -18.47 10.43
CA ASN A 95 -10.10 -18.24 11.76
C ASN A 95 -9.38 -17.21 12.65
N SER A 96 -8.33 -16.58 12.11
CA SER A 96 -7.54 -15.60 12.86
C SER A 96 -7.36 -14.28 12.10
N ALA A 97 -7.38 -13.19 12.84
CA ALA A 97 -7.08 -11.86 12.32
C ALA A 97 -6.01 -11.17 13.15
N TYR A 98 -5.15 -10.42 12.46
CA TYR A 98 -3.99 -9.78 13.08
C TYR A 98 -3.93 -8.33 12.66
N PHE A 99 -3.80 -7.44 13.64
CA PHE A 99 -3.71 -6.00 13.38
C PHE A 99 -2.40 -5.43 13.90
N PHE A 100 -1.80 -4.52 13.15
CA PHE A 100 -0.65 -3.78 13.64
C PHE A 100 -1.02 -2.93 14.85
N HIS A 101 -0.06 -2.66 15.71
CA HIS A 101 -0.26 -1.77 16.86
C HIS A 101 -0.69 -0.40 16.34
N PRO A 102 -1.92 0.03 16.69
CA PRO A 102 -2.43 1.29 16.12
C PRO A 102 -1.67 2.52 16.59
N ASP A 103 -1.51 3.48 15.69
CA ASP A 103 -0.74 4.71 15.94
C ASP A 103 -1.43 5.70 16.89
N ASN A 104 -2.75 5.63 16.96
CA ASN A 104 -3.56 6.49 17.83
C ASN A 104 -4.86 5.81 18.29
N GLN A 105 -5.60 6.49 19.17
CA GLN A 105 -6.87 5.98 19.71
C GLN A 105 -7.97 5.82 18.65
N GLU A 106 -8.06 6.79 17.73
CA GLU A 106 -9.04 6.74 16.63
C GLU A 106 -8.85 5.50 15.76
N ASP A 107 -7.60 5.22 15.37
CA ASP A 107 -7.30 4.07 14.54
C ASP A 107 -7.45 2.74 15.30
N ALA A 108 -7.21 2.78 16.61
CA ALA A 108 -7.48 1.65 17.51
C ALA A 108 -8.97 1.32 17.59
N GLU A 109 -9.81 2.34 17.71
CA GLU A 109 -11.27 2.13 17.70
C GLU A 109 -11.72 1.60 16.35
N ALA A 110 -11.16 2.16 15.27
CA ALA A 110 -11.56 1.82 13.90
C ALA A 110 -11.40 0.33 13.55
N ILE A 111 -10.30 -0.28 14.00
CA ILE A 111 -10.03 -1.69 13.71
C ILE A 111 -10.97 -2.68 14.40
N THR A 112 -11.68 -2.22 15.44
CA THR A 112 -12.72 -3.04 16.11
C THR A 112 -13.92 -3.31 15.18
N HIS A 113 -14.01 -2.55 14.10
CA HIS A 113 -15.09 -2.71 13.10
C HIS A 113 -14.71 -3.67 11.97
N LEU A 114 -13.50 -4.22 12.04
CA LEU A 114 -12.97 -5.13 11.01
C LEU A 114 -12.95 -6.58 11.46
N PHE A 115 -13.29 -7.47 10.52
CA PHE A 115 -13.31 -8.92 10.74
C PHE A 115 -14.00 -9.31 12.05
N THR A 116 -15.23 -8.80 12.24
CA THR A 116 -15.95 -8.93 13.51
C THR A 116 -16.47 -10.36 13.78
N ASP A 117 -16.54 -11.17 12.73
CA ASP A 117 -17.01 -12.55 12.81
C ASP A 117 -15.88 -13.58 13.04
N VAL A 118 -14.64 -13.09 13.08
CA VAL A 118 -13.46 -13.94 13.23
C VAL A 118 -13.32 -14.48 14.67
N GLN A 119 -12.92 -15.74 14.80
CA GLN A 119 -12.82 -16.41 16.09
C GLN A 119 -11.69 -15.88 16.97
N ASN A 120 -10.55 -15.58 16.35
CA ASN A 120 -9.35 -15.14 17.07
C ASN A 120 -8.86 -13.78 16.59
N ARG A 121 -8.92 -12.78 17.48
CA ARG A 121 -8.48 -11.41 17.20
C ARG A 121 -7.16 -11.13 17.92
N TYR A 122 -6.16 -10.71 17.16
CA TYR A 122 -4.87 -10.33 17.74
C TYR A 122 -4.44 -8.95 17.29
N THR A 123 -3.86 -8.20 18.22
CA THR A 123 -3.14 -6.98 17.89
C THR A 123 -1.66 -7.22 18.16
N PHE A 124 -0.84 -7.04 17.13
CA PHE A 124 0.61 -7.07 17.25
C PHE A 124 1.07 -5.98 18.22
N ALA A 125 2.14 -6.26 18.94
CA ALA A 125 2.75 -5.28 19.83
C ALA A 125 3.63 -4.27 19.08
N PHE A 126 3.82 -4.52 17.78
CA PHE A 126 4.60 -3.64 16.91
C PHE A 126 3.72 -2.92 15.89
N GLY A 127 4.09 -1.68 15.58
CA GLY A 127 3.44 -0.90 14.52
C GLY A 127 3.81 -1.42 13.15
N GLY A 128 3.07 -0.97 12.14
CA GLY A 128 3.22 -1.49 10.78
C GLY A 128 4.00 -0.66 9.77
N ASN A 129 4.67 0.40 10.22
CA ASN A 129 5.50 1.22 9.31
C ASN A 129 6.72 0.45 8.83
N TYR A 130 7.27 0.85 7.68
CA TYR A 130 8.45 0.18 7.10
C TYR A 130 9.62 0.06 8.07
N ASP A 131 9.92 1.14 8.80
CA ASP A 131 11.08 1.13 9.73
C ASP A 131 11.01 -0.01 10.74
N ARG A 132 9.84 -0.20 11.35
CA ARG A 132 9.59 -1.29 12.30
C ARG A 132 9.62 -2.66 11.62
N LEU A 133 8.99 -2.76 10.44
CA LEU A 133 8.93 -4.02 9.71
C LEU A 133 10.29 -4.47 9.18
N GLU A 134 11.10 -3.52 8.72
CA GLU A 134 12.48 -3.78 8.28
C GLU A 134 13.35 -4.30 9.42
N GLN A 135 13.21 -3.70 10.60
CA GLN A 135 13.88 -4.15 11.82
C GLN A 135 13.58 -5.62 12.11
N LEU A 136 12.30 -5.99 12.05
CA LEU A 136 11.85 -7.36 12.32
C LEU A 136 12.25 -8.35 11.23
N ALA A 137 12.21 -7.89 9.97
CA ALA A 137 12.61 -8.72 8.81
C ALA A 137 14.12 -8.99 8.76
N GLY A 138 14.90 -8.09 9.36
CA GLY A 138 16.36 -8.13 9.28
C GLY A 138 16.88 -7.76 7.90
N ASN A 139 16.05 -7.05 7.14
CA ASN A 139 16.37 -6.57 5.80
C ASN A 139 15.64 -5.28 5.50
N LEU A 140 16.31 -4.38 4.78
CA LEU A 140 15.71 -3.15 4.29
C LEU A 140 14.92 -3.43 3.01
N ARG A 141 13.99 -2.54 2.68
CA ARG A 141 13.24 -2.62 1.43
C ARG A 141 14.14 -2.79 0.21
N GLU A 142 15.29 -2.11 0.19
CA GLU A 142 16.26 -2.19 -0.93
C GLU A 142 16.83 -3.60 -1.17
N ASN A 143 16.65 -4.50 -0.20
CA ASN A 143 17.15 -5.88 -0.31
C ASN A 143 16.05 -6.95 -0.30
N ILE A 144 14.80 -6.51 -0.40
CA ILE A 144 13.66 -7.43 -0.43
C ILE A 144 13.07 -7.46 -1.84
N GLU A 145 13.13 -8.63 -2.47
CA GLU A 145 12.66 -8.81 -3.84
C GLU A 145 11.14 -8.69 -3.95
N LEU A 146 10.71 -8.01 -5.00
CA LEU A 146 9.30 -7.82 -5.33
C LEU A 146 8.98 -8.46 -6.67
N GLY A 147 7.71 -8.81 -6.84
CA GLY A 147 7.24 -9.46 -8.07
C GLY A 147 6.13 -10.45 -7.75
N ASN A 148 5.66 -11.14 -8.78
CA ASN A 148 4.58 -12.11 -8.58
C ASN A 148 4.97 -13.28 -7.69
N GLY A 149 6.20 -13.78 -7.87
CA GLY A 149 6.75 -14.85 -7.04
C GLY A 149 6.83 -14.47 -5.57
N PRO A 150 7.47 -13.31 -5.25
CA PRO A 150 7.46 -12.83 -3.87
C PRO A 150 6.05 -12.67 -3.27
N LEU A 151 5.10 -12.18 -4.06
CA LEU A 151 3.73 -12.01 -3.57
C LEU A 151 3.03 -13.34 -3.32
N GLU A 152 3.17 -14.28 -4.27
CA GLU A 152 2.72 -15.67 -4.12
C GLU A 152 3.17 -16.26 -2.77
N GLU A 153 4.47 -16.12 -2.50
CA GLU A 153 5.09 -16.63 -1.28
C GLU A 153 4.64 -15.87 -0.04
N ALA A 154 4.48 -14.56 -0.17
CA ALA A 154 4.00 -13.71 0.92
C ALA A 154 2.60 -14.11 1.40
N ILE A 155 1.72 -14.43 0.46
CA ILE A 155 0.35 -14.87 0.77
C ILE A 155 0.37 -16.16 1.60
N SER A 156 1.18 -17.13 1.18
CA SER A 156 1.36 -18.38 1.92
C SER A 156 1.92 -18.15 3.32
N ALA A 157 2.92 -17.27 3.44
CA ALA A 157 3.53 -16.93 4.73
C ALA A 157 2.53 -16.29 5.71
N LEU A 158 1.74 -15.34 5.22
CA LEU A 158 0.66 -14.75 6.04
C LEU A 158 -0.37 -15.78 6.45
N TYR A 159 -0.75 -16.67 5.52
CA TYR A 159 -1.73 -17.71 5.79
C TYR A 159 -1.30 -18.65 6.93
N TYR A 160 -0.04 -19.06 6.92
CA TYR A 160 0.46 -20.07 7.87
C TYR A 160 0.98 -19.53 9.22
N TYR A 161 0.92 -18.21 9.42
CA TYR A 161 1.46 -17.59 10.63
C TYR A 161 0.85 -18.10 11.95
N SER A 162 -0.47 -18.23 11.97
CA SER A 162 -1.22 -18.63 13.17
C SER A 162 -0.89 -20.05 13.66
N THR A 163 -0.45 -20.92 12.75
CA THR A 163 -0.12 -22.31 13.08
C THR A 163 1.36 -22.56 13.39
N GLY A 164 2.16 -21.48 13.32
CA GLY A 164 3.58 -21.53 13.68
C GLY A 164 4.55 -21.85 12.55
N GLY A 165 4.04 -21.93 11.32
CA GLY A 165 4.86 -22.24 10.14
C GLY A 165 5.69 -21.08 9.63
N THR A 166 5.35 -19.86 10.06
CA THR A 166 5.99 -18.64 9.58
C THR A 166 6.73 -17.94 10.72
N GLN A 167 8.05 -17.79 10.55
CA GLN A 167 8.88 -17.04 11.48
C GLN A 167 8.59 -15.55 11.35
N LEU A 168 8.81 -14.80 12.43
CA LEU A 168 8.54 -13.36 12.47
C LEU A 168 9.29 -12.55 11.38
N PRO A 169 10.59 -12.83 11.13
CA PRO A 169 11.25 -12.11 10.03
C PRO A 169 10.59 -12.34 8.66
N THR A 170 10.16 -13.58 8.40
CA THR A 170 9.44 -13.94 7.17
C THR A 170 8.10 -13.21 7.06
N LEU A 171 7.37 -13.14 8.18
CA LEU A 171 6.10 -12.42 8.23
C LEU A 171 6.28 -10.93 7.92
N ALA A 172 7.28 -10.32 8.55
CA ALA A 172 7.60 -8.90 8.35
C ALA A 172 7.97 -8.61 6.89
N ARG A 173 8.82 -9.49 6.32
CA ARG A 173 9.21 -9.38 4.92
CA ARG A 173 9.22 -9.41 4.92
C ARG A 173 7.99 -9.51 4.01
N SER A 174 7.09 -10.43 4.34
CA SER A 174 5.87 -10.67 3.58
C SER A 174 4.92 -9.47 3.60
N PHE A 175 4.80 -8.81 4.77
CA PHE A 175 4.06 -7.55 4.86
C PHE A 175 4.66 -6.47 3.94
N ILE A 176 6.00 -6.34 3.99
CA ILE A 176 6.72 -5.37 3.16
C ILE A 176 6.43 -5.57 1.67
N ILE A 177 6.39 -6.83 1.23
CA ILE A 177 6.04 -7.18 -0.15
C ILE A 177 4.60 -6.75 -0.48
N CYS A 178 3.65 -7.14 0.36
CA CYS A 178 2.24 -6.82 0.15
C CYS A 178 1.96 -5.32 0.10
N ILE A 179 2.55 -4.59 1.05
CA ILE A 179 2.33 -3.15 1.16
C ILE A 179 2.79 -2.44 -0.12
N GLN A 180 3.97 -2.81 -0.63
CA GLN A 180 4.50 -2.15 -1.82
C GLN A 180 3.75 -2.52 -3.09
N MET A 181 3.36 -3.78 -3.21
CA MET A 181 2.69 -4.25 -4.43
C MET A 181 1.22 -3.90 -4.51
N ILE A 182 0.65 -3.49 -3.38
CA ILE A 182 -0.76 -3.09 -3.32
C ILE A 182 -0.87 -1.60 -3.03
N SER A 183 -0.50 -1.18 -1.82
CA SER A 183 -0.67 0.22 -1.41
C SER A 183 0.20 1.19 -2.17
N GLU A 184 1.50 0.89 -2.32
CA GLU A 184 2.40 1.80 -3.05
C GLU A 184 2.06 1.86 -4.52
N ALA A 185 1.70 0.72 -5.10
CA ALA A 185 1.25 0.66 -6.48
C ALA A 185 -0.03 1.48 -6.69
N ALA A 186 -0.95 1.42 -5.73
CA ALA A 186 -2.15 2.25 -5.79
C ALA A 186 -1.82 3.75 -5.71
N ARG A 187 -0.88 4.10 -4.83
CA ARG A 187 -0.48 5.51 -4.64
C ARG A 187 0.27 6.10 -5.84
N PHE A 188 1.10 5.27 -6.48
CA PHE A 188 2.00 5.73 -7.54
C PHE A 188 1.86 4.93 -8.81
N GLN A 189 1.42 5.58 -9.90
CA GLN A 189 1.43 4.93 -11.22
CA GLN A 189 1.42 4.99 -11.24
C GLN A 189 2.82 4.42 -11.56
N TYR A 190 3.85 5.17 -11.16
CA TYR A 190 5.23 4.75 -11.41
C TYR A 190 5.56 3.40 -10.77
N ILE A 191 5.15 3.21 -9.53
CA ILE A 191 5.40 1.96 -8.81
C ILE A 191 4.54 0.83 -9.39
N GLU A 192 3.29 1.14 -9.72
CA GLU A 192 2.45 0.19 -10.46
C GLU A 192 3.16 -0.29 -11.73
N GLY A 193 3.74 0.64 -12.49
CA GLY A 193 4.49 0.33 -13.71
C GLY A 193 5.66 -0.60 -13.47
N GLU A 194 6.41 -0.32 -12.40
CA GLU A 194 7.54 -1.17 -11.98
C GLU A 194 7.10 -2.61 -11.64
N MET A 195 5.93 -2.74 -11.01
CA MET A 195 5.37 -4.06 -10.70
C MET A 195 4.85 -4.77 -11.96
N ARG A 196 4.20 -4.02 -12.85
CA ARG A 196 3.76 -4.54 -14.16
C ARG A 196 4.92 -5.17 -14.93
N THR A 197 6.06 -4.48 -14.95
CA THR A 197 7.28 -4.97 -15.62
C THR A 197 7.76 -6.29 -15.02
N ARG A 198 7.83 -6.36 -13.69
CA ARG A 198 8.21 -7.59 -12.99
C ARG A 198 7.29 -8.76 -13.34
N ILE A 199 5.98 -8.49 -13.40
CA ILE A 199 4.98 -9.50 -13.73
C ILE A 199 5.11 -9.94 -15.20
N ARG A 200 5.25 -8.97 -16.11
CA ARG A 200 5.40 -9.24 -17.55
C ARG A 200 6.50 -10.26 -17.86
N TYR A 201 7.63 -10.12 -17.19
CA TYR A 201 8.80 -10.97 -17.46
C TYR A 201 9.03 -12.07 -16.42
N ASN A 202 8.12 -12.13 -15.43
CA ASN A 202 8.21 -13.06 -14.29
C ASN A 202 9.60 -13.05 -13.63
N ARG A 203 10.11 -11.84 -13.43
CA ARG A 203 11.44 -11.63 -12.87
C ARG A 203 11.31 -10.81 -11.60
N ARG A 204 11.69 -11.44 -10.49
CA ARG A 204 11.68 -10.77 -9.18
C ARG A 204 12.96 -9.94 -8.98
N SER A 205 12.78 -8.78 -8.37
CA SER A 205 13.89 -7.87 -8.06
C SER A 205 13.50 -6.90 -6.97
N ALA A 206 14.49 -6.51 -6.17
CA ALA A 206 14.32 -5.51 -5.12
C ALA A 206 14.05 -4.13 -5.74
N PRO A 207 13.30 -3.26 -5.03
CA PRO A 207 13.02 -1.93 -5.56
C PRO A 207 14.27 -1.05 -5.62
N ASP A 208 14.45 -0.38 -6.76
CA ASP A 208 15.57 0.52 -6.98
C ASP A 208 15.34 1.87 -6.24
N PRO A 209 16.35 2.76 -6.18
CA PRO A 209 16.20 4.03 -5.46
C PRO A 209 15.05 4.93 -5.91
N SER A 210 14.62 4.84 -7.18
CA SER A 210 13.48 5.64 -7.63
C SER A 210 12.20 5.24 -6.91
N VAL A 211 12.02 3.92 -6.72
CA VAL A 211 10.87 3.39 -5.98
C VAL A 211 10.93 3.76 -4.50
N ILE A 212 12.09 3.51 -3.87
CA ILE A 212 12.30 3.79 -2.44
C ILE A 212 12.05 5.26 -2.11
N THR A 213 12.64 6.17 -2.88
CA THR A 213 12.52 7.60 -2.60
C THR A 213 11.09 8.11 -2.82
N LEU A 214 10.38 7.58 -3.82
CA LEU A 214 8.96 7.91 -3.99
C LEU A 214 8.13 7.48 -2.78
N GLU A 215 8.32 6.24 -2.34
CA GLU A 215 7.65 5.73 -1.12
C GLU A 215 7.90 6.64 0.07
N ASN A 216 9.18 6.96 0.31
CA ASN A 216 9.58 7.80 1.43
C ASN A 216 9.02 9.21 1.36
N SER A 217 8.75 9.70 0.15
CA SER A 217 8.33 11.08 -0.08
C SER A 217 6.83 11.28 -0.30
N TRP A 218 6.03 10.24 -0.18
CA TRP A 218 4.59 10.35 -0.52
C TRP A 218 3.86 11.45 0.24
N GLY A 219 4.07 11.50 1.55
CA GLY A 219 3.48 12.54 2.40
C GLY A 219 3.97 13.93 2.03
N ARG A 220 5.28 14.06 1.84
CA ARG A 220 5.90 15.34 1.48
C ARG A 220 5.44 15.85 0.11
N LEU A 221 5.38 14.94 -0.87
CA LEU A 221 4.89 15.27 -2.20
C LEU A 221 3.42 15.71 -2.16
N SER A 222 2.60 14.97 -1.42
CA SER A 222 1.19 15.32 -1.23
C SER A 222 1.01 16.71 -0.64
N THR A 223 1.78 17.01 0.41
CA THR A 223 1.73 18.32 1.07
C THR A 223 2.21 19.44 0.13
N ALA A 224 3.33 19.20 -0.55
CA ALA A 224 3.90 20.20 -1.46
C ALA A 224 2.95 20.55 -2.60
N ILE A 225 2.29 19.54 -3.16
CA ILE A 225 1.30 19.76 -4.23
C ILE A 225 0.11 20.56 -3.69
N GLN A 226 -0.41 20.15 -2.54
CA GLN A 226 -1.62 20.76 -1.99
C GLN A 226 -1.39 22.18 -1.46
N GLU A 227 -0.18 22.45 -0.98
CA GLU A 227 0.20 23.78 -0.49
C GLU A 227 0.84 24.67 -1.56
N SER A 228 0.99 24.14 -2.77
CA SER A 228 1.68 24.84 -3.86
C SER A 228 0.96 26.13 -4.27
N ASN A 229 1.72 27.05 -4.84
CA ASN A 229 1.15 28.24 -5.46
C ASN A 229 0.90 27.95 -6.93
N GLN A 230 -0.36 27.62 -7.24
CA GLN A 230 -0.79 27.29 -8.61
C GLN A 230 0.00 26.12 -9.21
N GLY A 231 0.46 25.20 -8.37
CA GLY A 231 1.27 24.06 -8.80
C GLY A 231 2.75 24.17 -8.53
N ALA A 232 3.23 25.38 -8.25
CA ALA A 232 4.64 25.65 -8.01
C ALA A 232 5.01 25.43 -6.55
N PHE A 233 6.02 24.61 -6.31
CA PHE A 233 6.48 24.29 -4.95
C PHE A 233 7.24 25.48 -4.39
N ALA A 234 7.04 25.75 -3.09
CA ALA A 234 7.85 26.76 -2.40
C ALA A 234 9.28 26.26 -2.20
N SER A 235 9.40 24.99 -1.86
CA SER A 235 10.67 24.30 -1.67
C SER A 235 10.72 23.10 -2.62
N PRO A 236 11.86 22.89 -3.31
CA PRO A 236 11.99 21.69 -4.14
C PRO A 236 12.06 20.41 -3.32
N ILE A 237 11.64 19.30 -3.92
CA ILE A 237 11.77 17.98 -3.30
C ILE A 237 12.76 17.15 -4.11
N GLN A 238 13.72 16.55 -3.40
CA GLN A 238 14.74 15.73 -4.03
C GLN A 238 14.31 14.27 -4.08
N LEU A 239 14.22 13.74 -5.30
CA LEU A 239 13.98 12.33 -5.52
C LEU A 239 15.23 11.71 -6.15
N GLN A 240 15.21 10.40 -6.34
CA GLN A 240 16.33 9.71 -6.99
C GLN A 240 15.88 8.99 -8.25
N ARG A 241 16.79 8.95 -9.24
CA ARG A 241 16.62 8.15 -10.44
C ARG A 241 16.95 6.68 -10.14
N ARG A 242 16.72 5.82 -11.12
CA ARG A 242 17.03 4.38 -11.01
C ARG A 242 18.49 4.10 -10.60
N ASN A 243 19.41 4.89 -11.15
CA ASN A 243 20.85 4.76 -10.83
C ASN A 243 21.29 5.42 -9.52
N GLY A 244 20.33 6.03 -8.80
CA GLY A 244 20.60 6.67 -7.51
C GLY A 244 20.93 8.15 -7.57
N SER A 245 21.08 8.69 -8.78
CA SER A 245 21.36 10.12 -8.97
C SER A 245 20.14 10.97 -8.59
N LYS A 246 20.42 12.15 -8.03
CA LYS A 246 19.37 13.02 -7.52
C LYS A 246 18.83 13.96 -8.60
N PHE A 247 17.51 14.08 -8.64
CA PHE A 247 16.84 15.11 -9.44
C PHE A 247 15.80 15.84 -8.60
N SER A 248 15.57 17.10 -8.93
CA SER A 248 14.71 17.97 -8.14
C SER A 248 13.33 18.11 -8.77
N VAL A 249 12.32 18.12 -7.91
CA VAL A 249 10.93 18.36 -8.29
C VAL A 249 10.54 19.76 -7.81
N TYR A 250 10.12 20.60 -8.75
CA TYR A 250 9.77 21.99 -8.48
C TYR A 250 8.28 22.27 -8.65
N ASP A 251 7.56 21.31 -9.22
CA ASP A 251 6.21 21.56 -9.71
C ASP A 251 5.40 20.28 -9.75
N VAL A 252 4.09 20.41 -9.57
CA VAL A 252 3.15 19.29 -9.70
C VAL A 252 3.18 18.64 -11.10
N SER A 253 3.46 19.44 -12.14
CA SER A 253 3.35 19.01 -13.53
C SER A 253 4.07 17.70 -13.81
N ILE A 254 5.32 17.62 -13.36
CA ILE A 254 6.17 16.43 -13.58
C ILE A 254 5.67 15.20 -12.82
N LEU A 255 4.83 15.42 -11.79
CA LEU A 255 4.33 14.34 -10.94
C LEU A 255 3.00 13.74 -11.39
N ILE A 256 2.31 14.41 -12.31
CA ILE A 256 1.01 13.93 -12.80
C ILE A 256 1.07 12.48 -13.34
N PRO A 257 2.10 12.13 -14.17
CA PRO A 257 2.21 10.72 -14.59
C PRO A 257 2.79 9.75 -13.53
N ILE A 258 3.24 10.29 -12.40
CA ILE A 258 3.97 9.52 -11.37
C ILE A 258 3.08 9.16 -10.19
N ILE A 259 2.34 10.14 -9.67
CA ILE A 259 1.50 9.96 -8.49
C ILE A 259 0.04 9.76 -8.92
N ALA A 260 -0.57 8.68 -8.45
CA ALA A 260 -1.97 8.38 -8.74
C ALA A 260 -2.93 8.88 -7.66
N LEU A 261 -2.48 8.87 -6.41
CA LEU A 261 -3.31 9.26 -5.26
C LEU A 261 -2.48 10.03 -4.25
N MET A 262 -3.07 11.08 -3.68
CA MET A 262 -2.45 11.83 -2.58
C MET A 262 -3.22 11.62 -1.28
N VAL A 263 -2.51 11.67 -0.16
CA VAL A 263 -3.13 11.77 1.16
C VAL A 263 -3.62 13.21 1.34
N TYR A 264 -4.78 13.38 1.99
CA TYR A 264 -5.31 14.71 2.29
C TYR A 264 -4.39 15.42 3.29
N ARG A 265 -3.97 16.64 2.94
CA ARG A 265 -3.05 17.41 3.78
C ARG A 265 -3.58 18.79 4.18
N CYS A 266 -4.28 19.45 3.26
CA CYS A 266 -4.94 20.73 3.52
C CYS A 266 -6.14 20.89 2.59
N ALA A 267 -6.99 21.87 2.90
CA ALA A 267 -8.11 22.25 2.03
C ALA A 267 -7.60 22.89 0.74
N PRO A 268 -8.27 22.62 -0.41
CA PRO A 268 -7.85 23.29 -1.64
C PRO A 268 -8.18 24.79 -1.61
N PRO A 269 -7.26 25.64 -2.12
CA PRO A 269 -7.53 27.09 -2.18
C PRO A 269 -8.64 27.41 -3.21
N PRO A 270 -9.43 28.48 -2.96
CA PRO A 270 -10.57 28.85 -3.82
C PRO A 270 -10.26 28.85 -5.32
#